data_6DYV
#
_entry.id   6DYV
#
_cell.length_a   73.479
_cell.length_b   73.479
_cell.length_c   176.205
_cell.angle_alpha   90.00
_cell.angle_beta   90.00
_cell.angle_gamma   90.00
#
_symmetry.space_group_name_H-M   'P 41 21 2'
#
loop_
_entity.id
_entity.type
_entity.pdbx_description
1 polymer "5'-methylthioadenosine/S-adenosylhomocysteine nucleosidase"
2 non-polymer 1,2-ETHANEDIOL
3 non-polymer (3R,4S)-1-[(4-amino-5H-pyrrolo[3,2-d]pyrimidin-7-yl)methyl]-4-{[(pent-4-yn-1-yl)sulfanyl]methyl}pyrrolidin-3-ol
4 water water
#
_entity_poly.entity_id   1
_entity_poly.type   'polypeptide(L)'
_entity_poly.pdbx_seq_one_letter_code
;MGHHHHHHENLYFQGVQKIGILGAMREEITPILELFGVDFEEIPLGGNVFHKGVYHNKEIIVAYSKIGKVHSTLTTTSMI
LAFGVQKVLFSGVAGSLVKDLKINDLLVATQLVQHDVDLSAFDHPLGFIPESAIFIETSGSLNALAKKIANEQHIALKEG
VIASGDQFVHSKERKEFLVSEFKASAVEMEGASVAFVCQKFGVPCCVLRSISDNADEKAGMSFDEFLEKSAHTSAKFLKS
MVDEL
;
_entity_poly.pdbx_strand_id   A,B
#
loop_
_chem_comp.id
_chem_comp.type
_chem_comp.name
_chem_comp.formula
EDO non-polymer 1,2-ETHANEDIOL 'C2 H6 O2'
OS3 non-polymer (3R,4S)-1-[(4-amino-5H-pyrrolo[3,2-d]pyrimidin-7-yl)methyl]-4-{[(pent-4-yn-1-yl)sulfanyl]methyl}pyrrolidin-3-ol 'C17 H23 N5 O S'
#
# COMPACT_ATOMS: atom_id res chain seq x y z
N GLN A 14 34.79 15.30 3.23
CA GLN A 14 33.68 15.90 4.04
C GLN A 14 32.62 16.52 3.12
N GLY A 15 32.13 15.71 2.18
CA GLY A 15 30.91 16.06 1.45
C GLY A 15 29.66 15.76 2.28
N VAL A 16 28.50 15.99 1.68
CA VAL A 16 27.24 15.60 2.30
C VAL A 16 27.18 14.07 2.26
N GLN A 17 26.69 13.49 3.35
CA GLN A 17 26.52 12.05 3.48
C GLN A 17 25.45 11.62 2.48
N LYS A 18 25.70 10.55 1.72
CA LYS A 18 24.73 10.00 0.77
C LYS A 18 24.24 8.67 1.33
N ILE A 19 22.95 8.57 1.57
CA ILE A 19 22.35 7.37 2.18
C ILE A 19 21.38 6.77 1.19
N GLY A 20 21.56 5.47 0.88
CA GLY A 20 20.63 4.72 0.07
C GLY A 20 19.58 4.08 0.95
N ILE A 21 18.33 4.20 0.52
CA ILE A 21 17.19 3.65 1.25
C ILE A 21 16.43 2.76 0.25
N LEU A 22 16.30 1.47 0.57
N LEU A 22 16.29 1.48 0.58
CA LEU A 22 15.73 0.50 -0.34
CA LEU A 22 15.73 0.50 -0.35
C LEU A 22 14.56 -0.26 0.26
C LEU A 22 14.56 -0.26 0.26
N GLY A 23 13.54 -0.48 -0.58
CA GLY A 23 12.51 -1.49 -0.34
C GLY A 23 12.49 -2.41 -1.57
N ALA A 24 11.73 -3.50 -1.50
CA ALA A 24 11.54 -4.40 -2.64
C ALA A 24 10.33 -4.00 -3.48
N MET A 25 9.26 -3.59 -2.83
CA MET A 25 7.98 -3.29 -3.49
C MET A 25 7.66 -1.80 -3.36
N ARG A 26 6.89 -1.29 -4.31
CA ARG A 26 6.45 0.13 -4.23
C ARG A 26 5.81 0.42 -2.89
N GLU A 27 5.01 -0.50 -2.40
CA GLU A 27 4.30 -0.36 -1.13
C GLU A 27 5.25 -0.19 0.07
N GLU A 28 6.48 -0.72 -0.04
CA GLU A 28 7.46 -0.58 1.04
C GLU A 28 8.11 0.78 1.07
N ILE A 29 8.15 1.49 -0.07
CA ILE A 29 8.77 2.82 -0.12
C ILE A 29 7.76 3.97 -0.05
N THR A 30 6.50 3.73 -0.37
CA THR A 30 5.43 4.75 -0.22
C THR A 30 5.48 5.46 1.14
N PRO A 31 5.49 4.69 2.25
CA PRO A 31 5.57 5.39 3.56
C PRO A 31 6.90 6.07 3.82
N ILE A 32 7.98 5.56 3.23
CA ILE A 32 9.28 6.20 3.37
C ILE A 32 9.24 7.61 2.73
N LEU A 33 8.77 7.67 1.49
CA LEU A 33 8.70 8.97 0.79
C LEU A 33 7.80 9.94 1.56
N GLU A 34 6.67 9.44 2.05
CA GLU A 34 5.71 10.26 2.80
C GLU A 34 6.31 10.80 4.10
N LEU A 35 6.96 9.91 4.86
CA LEU A 35 7.51 10.29 6.16
C LEU A 35 8.66 11.28 6.09
N PHE A 36 9.53 11.18 5.09
CA PHE A 36 10.63 12.13 4.96
C PHE A 36 10.12 13.51 4.58
N GLY A 37 9.05 13.54 3.79
CA GLY A 37 8.30 14.76 3.53
C GLY A 37 9.01 15.84 2.74
N VAL A 38 10.06 15.45 2.01
CA VAL A 38 10.86 16.41 1.24
C VAL A 38 10.58 16.20 -0.23
N ASP A 39 11.03 17.16 -1.05
CA ASP A 39 10.88 17.07 -2.49
C ASP A 39 11.92 16.10 -3.02
N PHE A 40 11.51 15.20 -3.91
CA PHE A 40 12.40 14.25 -4.54
C PHE A 40 12.42 14.45 -6.06
N GLU A 41 13.62 14.41 -6.64
CA GLU A 41 13.83 14.33 -8.07
C GLU A 41 13.79 12.85 -8.45
N GLU A 42 13.01 12.49 -9.46
CA GLU A 42 12.93 11.10 -9.94
C GLU A 42 13.90 10.88 -11.07
N ILE A 43 14.77 9.89 -10.91
CA ILE A 43 15.84 9.62 -11.86
C ILE A 43 15.74 8.17 -12.30
N PRO A 44 15.43 7.92 -13.59
CA PRO A 44 15.35 6.54 -14.08
C PRO A 44 16.71 5.96 -14.45
N LEU A 45 16.96 4.70 -14.10
CA LEU A 45 18.21 4.03 -14.43
C LEU A 45 18.02 2.53 -14.24
N GLY A 46 18.40 1.76 -15.26
CA GLY A 46 18.37 0.30 -15.18
C GLY A 46 17.05 -0.33 -14.78
N GLY A 47 15.94 0.28 -15.20
CA GLY A 47 14.62 -0.23 -14.88
C GLY A 47 14.08 0.15 -13.52
N ASN A 48 14.83 0.97 -12.76
CA ASN A 48 14.37 1.48 -11.48
C ASN A 48 14.19 2.99 -11.56
N VAL A 49 13.42 3.52 -10.62
CA VAL A 49 13.28 4.97 -10.44
C VAL A 49 13.89 5.32 -9.08
N PHE A 50 14.89 6.18 -9.09
CA PHE A 50 15.56 6.62 -7.86
C PHE A 50 15.03 8.00 -7.48
N HIS A 51 14.64 8.15 -6.21
CA HIS A 51 14.08 9.36 -5.67
C HIS A 51 15.16 10.04 -4.85
N LYS A 52 15.68 11.17 -5.35
CA LYS A 52 16.82 11.84 -4.75
C LYS A 52 16.36 13.12 -4.08
N GLY A 53 16.68 13.23 -2.79
CA GLY A 53 16.24 14.35 -1.96
C GLY A 53 17.28 14.75 -0.93
N VAL A 54 17.04 15.87 -0.25
CA VAL A 54 17.95 16.34 0.80
C VAL A 54 17.16 16.38 2.07
N TYR A 55 17.72 15.76 3.11
CA TYR A 55 17.06 15.64 4.40
C TYR A 55 18.13 15.90 5.47
N HIS A 56 17.92 16.97 6.23
CA HIS A 56 18.94 17.50 7.14
C HIS A 56 20.23 17.70 6.35
N ASN A 57 21.40 17.25 6.80
CA ASN A 57 22.64 17.47 5.99
C ASN A 57 22.98 16.24 5.14
N LYS A 58 21.95 15.48 4.73
CA LYS A 58 22.16 14.21 4.06
C LYS A 58 21.41 14.16 2.75
N GLU A 59 22.04 13.58 1.75
CA GLU A 59 21.38 13.26 0.50
C GLU A 59 20.80 11.86 0.66
N ILE A 60 19.50 11.71 0.44
CA ILE A 60 18.83 10.42 0.53
C ILE A 60 18.37 9.98 -0.86
N ILE A 61 18.68 8.73 -1.21
CA ILE A 61 18.33 8.17 -2.51
C ILE A 61 17.44 6.98 -2.18
N VAL A 62 16.16 7.06 -2.57
CA VAL A 62 15.17 6.06 -2.22
C VAL A 62 14.71 5.32 -3.49
N ALA A 63 14.58 4.00 -3.40
CA ALA A 63 14.05 3.22 -4.53
C ALA A 63 13.47 1.91 -4.05
N TYR A 64 12.53 1.37 -4.83
CA TYR A 64 12.12 -0.03 -4.66
C TYR A 64 12.77 -0.83 -5.80
N SER A 65 13.29 -2.01 -5.47
CA SER A 65 14.05 -2.78 -6.43
C SER A 65 13.19 -3.54 -7.42
N LYS A 66 11.98 -3.90 -7.00
CA LYS A 66 11.15 -4.99 -7.52
C LYS A 66 11.56 -6.30 -6.80
N ILE A 67 10.70 -7.30 -6.88
CA ILE A 67 10.78 -8.46 -6.01
C ILE A 67 11.94 -9.39 -6.36
N GLY A 68 12.60 -9.91 -5.33
CA GLY A 68 13.50 -11.05 -5.50
C GLY A 68 14.98 -10.70 -5.55
N LYS A 69 15.78 -11.75 -5.70
CA LYS A 69 17.21 -11.62 -5.53
C LYS A 69 17.91 -10.88 -6.67
N VAL A 70 17.56 -11.18 -7.91
CA VAL A 70 18.19 -10.51 -9.05
C VAL A 70 17.84 -9.01 -9.07
N HIS A 71 16.55 -8.70 -8.92
CA HIS A 71 16.10 -7.30 -8.86
C HIS A 71 16.87 -6.52 -7.79
N SER A 72 16.91 -7.09 -6.57
CA SER A 72 17.49 -6.35 -5.46
C SER A 72 19.00 -6.22 -5.60
N THR A 73 19.66 -7.22 -6.15
CA THR A 73 21.10 -7.16 -6.40
C THR A 73 21.42 -6.02 -7.40
N LEU A 74 20.66 -5.99 -8.48
CA LEU A 74 20.83 -4.93 -9.50
C LEU A 74 20.68 -3.53 -8.87
N THR A 75 19.57 -3.30 -8.20
CA THR A 75 19.26 -1.98 -7.65
C THR A 75 20.29 -1.53 -6.61
N THR A 76 20.73 -2.46 -5.77
CA THR A 76 21.75 -2.11 -4.76
C THR A 76 23.06 -1.72 -5.44
N THR A 77 23.43 -2.47 -6.49
CA THR A 77 24.64 -2.17 -7.23
C THR A 77 24.54 -0.78 -7.90
N SER A 78 23.39 -0.49 -8.49
CA SER A 78 23.14 0.86 -9.08
C SER A 78 23.26 1.98 -8.04
N MET A 79 22.66 1.77 -6.87
N MET A 79 22.67 1.77 -6.87
CA MET A 79 22.74 2.76 -5.80
CA MET A 79 22.76 2.76 -5.80
C MET A 79 24.19 3.11 -5.45
C MET A 79 24.19 3.11 -5.45
N ILE A 80 25.01 2.08 -5.32
CA ILE A 80 26.41 2.23 -4.96
C ILE A 80 27.23 2.86 -6.09
N LEU A 81 27.11 2.34 -7.30
CA LEU A 81 27.98 2.79 -8.40
C LEU A 81 27.51 4.08 -9.06
N ALA A 82 26.22 4.23 -9.27
CA ALA A 82 25.68 5.39 -9.97
C ALA A 82 25.37 6.55 -9.04
N PHE A 83 24.94 6.27 -7.81
CA PHE A 83 24.55 7.34 -6.87
C PHE A 83 25.51 7.59 -5.72
N GLY A 84 26.58 6.78 -5.63
CA GLY A 84 27.64 6.97 -4.65
C GLY A 84 27.23 6.88 -3.19
N VAL A 85 26.24 6.04 -2.90
CA VAL A 85 25.80 5.96 -1.50
C VAL A 85 26.90 5.37 -0.62
N GLN A 86 26.97 5.87 0.61
CA GLN A 86 27.98 5.48 1.58
C GLN A 86 27.43 4.48 2.61
N LYS A 87 26.11 4.43 2.73
CA LYS A 87 25.39 3.43 3.56
C LYS A 87 24.12 3.02 2.87
N VAL A 88 23.63 1.81 3.13
CA VAL A 88 22.37 1.34 2.57
C VAL A 88 21.50 0.83 3.72
N LEU A 89 20.30 1.37 3.83
CA LEU A 89 19.31 0.92 4.81
C LEU A 89 18.13 0.32 4.04
N PHE A 90 17.80 -0.92 4.36
CA PHE A 90 16.68 -1.62 3.73
C PHE A 90 15.50 -1.65 4.69
N SER A 91 14.31 -1.34 4.17
CA SER A 91 13.07 -1.39 4.95
C SER A 91 11.99 -2.13 4.19
N GLY A 92 11.31 -3.03 4.87
CA GLY A 92 10.21 -3.78 4.23
C GLY A 92 9.59 -4.80 5.16
N VAL A 93 8.89 -5.75 4.57
CA VAL A 93 8.13 -6.71 5.33
C VAL A 93 8.73 -8.12 5.19
N ALA A 94 8.32 -9.03 6.06
CA ALA A 94 8.89 -10.38 6.06
C ALA A 94 7.94 -11.37 6.68
N GLY A 95 8.15 -12.64 6.37
CA GLY A 95 7.41 -13.73 7.02
C GLY A 95 8.14 -14.18 8.27
N SER A 96 7.39 -14.38 9.36
CA SER A 96 7.94 -14.88 10.62
C SER A 96 8.10 -16.40 10.65
N LEU A 97 9.24 -16.84 11.16
CA LEU A 97 9.53 -18.27 11.30
C LEU A 97 9.49 -18.74 12.76
N VAL A 98 9.28 -17.82 13.69
CA VAL A 98 9.40 -18.12 15.13
C VAL A 98 8.20 -17.55 15.86
N LYS A 99 7.74 -18.28 16.87
CA LYS A 99 6.53 -17.91 17.64
C LYS A 99 6.59 -16.50 18.23
N ASP A 100 7.75 -16.07 18.68
CA ASP A 100 7.89 -14.76 19.33
C ASP A 100 7.93 -13.56 18.37
N LEU A 101 7.99 -13.81 17.06
CA LEU A 101 7.87 -12.72 16.08
C LEU A 101 6.46 -12.72 15.52
N LYS A 102 5.68 -11.74 15.96
CA LYS A 102 4.25 -11.62 15.63
C LYS A 102 4.06 -10.62 14.51
N ILE A 103 2.89 -10.65 13.86
CA ILE A 103 2.54 -9.62 12.87
C ILE A 103 2.83 -8.24 13.42
N ASN A 104 3.48 -7.42 12.60
CA ASN A 104 3.90 -6.04 12.89
C ASN A 104 5.22 -5.91 13.66
N ASP A 105 5.73 -7.00 14.26
CA ASP A 105 6.98 -6.91 15.00
C ASP A 105 8.14 -6.57 14.08
N LEU A 106 9.11 -5.86 14.64
CA LEU A 106 10.31 -5.44 13.93
C LEU A 106 11.48 -6.31 14.25
N LEU A 107 12.28 -6.61 13.23
CA LEU A 107 13.51 -7.39 13.38
C LEU A 107 14.61 -6.71 12.57
N VAL A 108 15.81 -6.67 13.13
CA VAL A 108 16.97 -6.27 12.40
C VAL A 108 17.81 -7.53 12.12
N ALA A 109 18.25 -7.69 10.87
CA ALA A 109 19.01 -8.88 10.49
C ALA A 109 20.44 -8.74 10.89
N THR A 110 20.95 -9.67 11.69
CA THR A 110 22.35 -9.69 12.05
C THR A 110 23.18 -10.44 11.03
N GLN A 111 22.66 -11.55 10.54
CA GLN A 111 23.24 -12.21 9.37
C GLN A 111 22.11 -12.61 8.44
N LEU A 112 22.45 -12.79 7.18
CA LEU A 112 21.49 -13.26 6.19
C LEU A 112 22.08 -14.40 5.38
N VAL A 113 21.18 -15.21 4.81
CA VAL A 113 21.57 -16.36 4.00
C VAL A 113 20.68 -16.45 2.78
N GLN A 114 21.23 -16.96 1.68
CA GLN A 114 20.44 -17.30 0.50
C GLN A 114 20.02 -18.76 0.68
N HIS A 115 18.79 -18.94 1.14
CA HIS A 115 18.33 -20.24 1.60
C HIS A 115 18.08 -21.25 0.49
N ASP A 116 17.96 -20.77 -0.76
CA ASP A 116 17.68 -21.61 -1.90
C ASP A 116 18.91 -22.02 -2.70
N VAL A 117 20.09 -21.63 -2.27
CA VAL A 117 21.32 -22.02 -2.94
C VAL A 117 21.66 -23.49 -2.61
N ASP A 118 21.92 -24.28 -3.63
CA ASP A 118 22.15 -25.73 -3.44
C ASP A 118 23.24 -26.25 -4.37
N LEU A 119 24.45 -26.35 -3.81
CA LEU A 119 25.60 -26.96 -4.45
C LEU A 119 25.98 -28.25 -3.71
N SER A 120 24.99 -28.90 -3.15
CA SER A 120 25.20 -30.16 -2.40
C SER A 120 25.72 -31.29 -3.28
N ALA A 121 25.55 -31.21 -4.61
CA ALA A 121 26.16 -32.19 -5.52
C ALA A 121 27.68 -32.27 -5.38
N PHE A 122 28.29 -31.19 -4.90
CA PHE A 122 29.73 -31.11 -4.68
C PHE A 122 30.08 -31.13 -3.19
N ASP A 123 29.15 -31.63 -2.37
CA ASP A 123 29.32 -31.69 -0.92
C ASP A 123 29.47 -30.35 -0.21
N HIS A 124 28.99 -29.27 -0.84
CA HIS A 124 28.92 -28.00 -0.15
C HIS A 124 27.66 -27.94 0.71
N PRO A 125 27.76 -27.30 1.89
CA PRO A 125 26.55 -27.09 2.69
C PRO A 125 25.56 -26.21 1.94
N LEU A 126 24.29 -26.40 2.24
CA LEU A 126 23.25 -25.58 1.64
C LEU A 126 23.50 -24.11 1.99
N GLY A 127 23.24 -23.22 1.02
CA GLY A 127 23.52 -21.78 1.22
C GLY A 127 24.90 -21.32 0.77
N PHE A 128 25.84 -22.25 0.61
CA PHE A 128 27.23 -21.90 0.33
C PHE A 128 27.54 -21.88 -1.16
N ILE A 129 28.25 -20.84 -1.58
CA ILE A 129 28.86 -20.75 -2.91
C ILE A 129 30.35 -20.54 -2.75
N PRO A 130 31.16 -21.26 -3.53
CA PRO A 130 32.61 -20.98 -3.52
C PRO A 130 32.94 -19.51 -3.72
N GLU A 131 33.97 -19.05 -3.01
CA GLU A 131 34.40 -17.66 -2.98
C GLU A 131 33.41 -16.75 -2.28
N SER A 132 32.48 -17.35 -1.52
CA SER A 132 31.58 -16.59 -0.67
C SER A 132 31.46 -17.29 0.69
N ALA A 133 30.30 -17.16 1.33
CA ALA A 133 30.02 -17.75 2.62
C ALA A 133 28.55 -17.99 2.75
N ILE A 134 28.16 -18.90 3.65
CA ILE A 134 26.74 -19.12 3.90
C ILE A 134 26.08 -17.86 4.46
N PHE A 135 26.68 -17.29 5.50
CA PHE A 135 26.10 -16.13 6.18
C PHE A 135 26.81 -14.85 5.78
N ILE A 136 26.00 -13.83 5.50
CA ILE A 136 26.46 -12.50 5.15
C ILE A 136 26.17 -11.59 6.35
N GLU A 137 27.20 -10.87 6.83
CA GLU A 137 27.00 -9.96 7.96
C GLU A 137 26.54 -8.57 7.51
N THR A 138 25.74 -7.96 8.37
CA THR A 138 25.38 -6.55 8.24
C THR A 138 26.25 -5.71 9.17
N SER A 139 26.01 -4.40 9.17
CA SER A 139 26.85 -3.46 9.90
C SER A 139 26.62 -3.49 11.40
N GLY A 140 27.64 -3.83 12.17
CA GLY A 140 27.51 -3.83 13.64
C GLY A 140 27.21 -2.45 14.22
N SER A 141 27.83 -1.40 13.66
CA SER A 141 27.57 -0.06 14.16
C SER A 141 26.13 0.40 13.89
N LEU A 142 25.59 0.07 12.71
CA LEU A 142 24.20 0.40 12.40
C LEU A 142 23.24 -0.45 13.22
N ASN A 143 23.53 -1.74 13.40
CA ASN A 143 22.66 -2.60 14.20
C ASN A 143 22.66 -2.11 15.67
N ALA A 144 23.82 -1.67 16.18
CA ALA A 144 23.89 -1.07 17.52
C ALA A 144 23.07 0.21 17.65
N LEU A 145 23.10 1.03 16.60
CA LEU A 145 22.26 2.22 16.57
C LEU A 145 20.79 1.86 16.64
N ALA A 146 20.37 0.89 15.83
CA ALA A 146 18.98 0.43 15.86
C ALA A 146 18.55 -0.01 17.26
N LYS A 147 19.37 -0.80 17.91
CA LYS A 147 19.06 -1.29 19.26
C LYS A 147 18.97 -0.16 20.28
N LYS A 148 19.87 0.81 20.17
CA LYS A 148 19.90 1.96 21.08
C LYS A 148 18.59 2.77 20.94
N ILE A 149 18.20 3.06 19.70
CA ILE A 149 16.97 3.82 19.44
C ILE A 149 15.74 3.03 19.92
N ALA A 150 15.69 1.73 19.63
CA ALA A 150 14.55 0.93 20.05
C ALA A 150 14.39 0.94 21.57
N ASN A 151 15.50 0.84 22.28
CA ASN A 151 15.48 0.86 23.74
C ASN A 151 14.98 2.22 24.25
N GLU A 152 15.46 3.31 23.67
CA GLU A 152 15.01 4.65 24.08
C GLU A 152 13.53 4.91 23.79
N GLN A 153 13.03 4.35 22.68
CA GLN A 153 11.64 4.50 22.26
C GLN A 153 10.71 3.45 22.82
N HIS A 154 11.23 2.49 23.60
CA HIS A 154 10.45 1.40 24.17
C HIS A 154 9.73 0.59 23.09
N ILE A 155 10.47 0.29 22.03
CA ILE A 155 9.98 -0.50 20.92
C ILE A 155 10.69 -1.84 21.00
N ALA A 156 9.91 -2.92 20.93
CA ALA A 156 10.52 -4.24 20.87
C ALA A 156 11.17 -4.32 19.49
N LEU A 157 12.45 -4.63 19.47
CA LEU A 157 13.19 -4.84 18.25
C LEU A 157 13.89 -6.14 18.51
N LYS A 158 13.64 -7.12 17.66
CA LYS A 158 14.33 -8.39 17.76
C LYS A 158 15.49 -8.32 16.80
N GLU A 159 16.47 -9.18 17.02
CA GLU A 159 17.53 -9.38 16.07
C GLU A 159 17.69 -10.86 15.78
N GLY A 160 18.14 -11.18 14.58
CA GLY A 160 18.37 -12.56 14.23
C GLY A 160 18.69 -12.74 12.77
N VAL A 161 18.73 -14.00 12.38
CA VAL A 161 19.10 -14.39 11.03
C VAL A 161 17.87 -14.28 10.13
N ILE A 162 18.07 -13.68 8.95
CA ILE A 162 17.01 -13.64 7.92
C ILE A 162 17.45 -14.50 6.76
N ALA A 163 16.52 -15.33 6.29
CA ALA A 163 16.74 -16.17 5.11
C ALA A 163 16.06 -15.50 3.93
N SER A 164 16.75 -15.47 2.80
CA SER A 164 16.24 -14.87 1.55
C SER A 164 16.32 -15.88 0.42
N GLY A 165 15.26 -15.96 -0.37
CA GLY A 165 15.26 -16.85 -1.55
C GLY A 165 14.26 -16.31 -2.55
N ASP A 166 14.20 -16.96 -3.71
CA ASP A 166 13.31 -16.52 -4.79
C ASP A 166 11.96 -17.25 -4.80
N GLN A 167 11.52 -17.68 -3.62
CA GLN A 167 10.21 -18.28 -3.44
C GLN A 167 9.46 -17.57 -2.31
N PHE A 168 8.16 -17.37 -2.49
CA PHE A 168 7.31 -16.93 -1.38
C PHE A 168 7.05 -18.18 -0.56
N VAL A 169 7.40 -18.17 0.72
CA VAL A 169 7.30 -19.36 1.58
C VAL A 169 5.91 -19.40 2.20
N HIS A 170 5.22 -20.54 2.03
CA HIS A 170 3.85 -20.67 2.50
C HIS A 170 3.56 -22.10 2.89
N SER A 171 4.50 -22.70 3.62
CA SER A 171 4.33 -24.07 4.07
C SER A 171 5.08 -24.34 5.37
N LYS A 172 4.44 -25.13 6.24
CA LYS A 172 5.07 -25.59 7.46
C LYS A 172 6.42 -26.26 7.19
N GLU A 173 6.47 -27.09 6.15
CA GLU A 173 7.64 -27.88 5.80
C GLU A 173 8.84 -26.99 5.45
N ARG A 174 8.61 -25.97 4.63
CA ARG A 174 9.70 -25.07 4.26
C ARG A 174 10.14 -24.19 5.44
N LYS A 175 9.19 -23.69 6.23
CA LYS A 175 9.53 -22.95 7.46
C LYS A 175 10.46 -23.73 8.35
N GLU A 176 10.10 -24.98 8.63
CA GLU A 176 10.91 -25.80 9.50
C GLU A 176 12.31 -26.06 8.99
N PHE A 177 12.46 -26.24 7.67
CA PHE A 177 13.76 -26.32 7.03
C PHE A 177 14.60 -25.07 7.28
N LEU A 178 13.99 -23.89 7.13
CA LEU A 178 14.76 -22.65 7.30
C LEU A 178 15.28 -22.52 8.75
N VAL A 179 14.45 -22.93 9.71
CA VAL A 179 14.84 -22.91 11.11
C VAL A 179 15.94 -23.96 11.40
N SER A 180 15.73 -25.20 10.93
N SER A 180 15.73 -25.20 10.93
CA SER A 180 16.67 -26.29 11.18
CA SER A 180 16.67 -26.28 11.18
C SER A 180 18.02 -26.05 10.51
C SER A 180 18.02 -26.05 10.51
N GLU A 181 17.98 -25.66 9.24
CA GLU A 181 19.20 -25.50 8.46
C GLU A 181 20.00 -24.25 8.79
N PHE A 182 19.30 -23.12 8.96
CA PHE A 182 19.94 -21.83 9.08
C PHE A 182 19.70 -21.07 10.37
N LYS A 183 18.90 -21.63 11.28
CA LYS A 183 18.48 -20.94 12.51
C LYS A 183 17.89 -19.57 12.17
N ALA A 184 17.16 -19.49 11.05
CA ALA A 184 16.55 -18.23 10.64
C ALA A 184 15.33 -17.86 11.50
N SER A 185 15.12 -16.56 11.69
CA SER A 185 13.96 -16.02 12.40
C SER A 185 12.85 -15.49 11.49
N ALA A 186 13.22 -15.08 10.28
CA ALA A 186 12.28 -14.52 9.34
C ALA A 186 12.74 -14.84 7.93
N VAL A 187 11.81 -14.72 6.99
CA VAL A 187 12.07 -15.07 5.58
C VAL A 187 11.59 -13.95 4.68
N GLU A 188 12.38 -13.70 3.64
CA GLU A 188 12.00 -12.71 2.64
C GLU A 188 12.73 -13.04 1.35
N MET A 189 12.79 -12.12 0.39
CA MET A 189 13.31 -12.44 -0.94
C MET A 189 14.38 -11.48 -1.45
N GLU A 190 14.95 -10.65 -0.57
CA GLU A 190 15.89 -9.60 -0.99
C GLU A 190 17.03 -9.26 -0.02
N GLY A 191 16.83 -9.51 1.27
CA GLY A 191 17.79 -9.02 2.25
C GLY A 191 19.21 -9.52 2.02
N ALA A 192 19.34 -10.81 1.77
CA ALA A 192 20.65 -11.41 1.62
C ALA A 192 21.39 -10.84 0.42
N SER A 193 20.67 -10.62 -0.67
CA SER A 193 21.28 -10.07 -1.88
C SER A 193 21.70 -8.60 -1.67
N VAL A 194 20.87 -7.81 -0.98
CA VAL A 194 21.23 -6.41 -0.67
C VAL A 194 22.49 -6.39 0.20
N ALA A 195 22.45 -7.18 1.28
CA ALA A 195 23.57 -7.24 2.22
C ALA A 195 24.85 -7.76 1.55
N PHE A 196 24.70 -8.73 0.66
CA PHE A 196 25.81 -9.28 -0.09
C PHE A 196 26.49 -8.20 -0.95
N VAL A 197 25.71 -7.47 -1.72
CA VAL A 197 26.27 -6.43 -2.59
C VAL A 197 27.01 -5.39 -1.72
N CYS A 198 26.39 -4.96 -0.64
CA CYS A 198 27.03 -3.99 0.24
C CYS A 198 28.36 -4.51 0.80
N GLN A 199 28.39 -5.76 1.23
CA GLN A 199 29.64 -6.39 1.68
C GLN A 199 30.71 -6.36 0.59
N LYS A 200 30.35 -6.69 -0.65
CA LYS A 200 31.32 -6.71 -1.74
C LYS A 200 31.96 -5.35 -2.04
N PHE A 201 31.19 -4.27 -1.85
CA PHE A 201 31.64 -2.90 -2.09
C PHE A 201 32.15 -2.21 -0.82
N GLY A 202 32.12 -2.91 0.32
CA GLY A 202 32.52 -2.29 1.60
C GLY A 202 31.61 -1.19 2.11
N VAL A 203 30.30 -1.28 1.80
CA VAL A 203 29.32 -0.29 2.18
C VAL A 203 28.52 -0.81 3.39
N PRO A 204 28.47 -0.06 4.49
CA PRO A 204 27.64 -0.48 5.63
C PRO A 204 26.17 -0.66 5.26
N CYS A 205 25.58 -1.76 5.73
CA CYS A 205 24.21 -2.13 5.43
C CYS A 205 23.44 -2.48 6.69
N CYS A 206 22.20 -2.05 6.78
CA CYS A 206 21.27 -2.48 7.82
C CYS A 206 20.01 -2.96 7.13
N VAL A 207 19.52 -4.15 7.49
CA VAL A 207 18.27 -4.69 6.97
C VAL A 207 17.22 -4.75 8.08
N LEU A 208 16.14 -3.98 7.89
CA LEU A 208 15.00 -3.92 8.82
C LEU A 208 13.78 -4.54 8.15
N ARG A 209 13.05 -5.35 8.90
CA ARG A 209 11.82 -5.94 8.39
C ARG A 209 10.76 -5.94 9.48
N SER A 210 9.51 -5.74 9.07
CA SER A 210 8.35 -5.88 9.93
C SER A 210 7.53 -7.06 9.44
N ILE A 211 7.03 -7.85 10.37
CA ILE A 211 6.36 -9.11 10.02
C ILE A 211 4.99 -8.84 9.38
N SER A 212 4.76 -9.45 8.22
CA SER A 212 3.47 -9.38 7.52
C SER A 212 2.63 -10.65 7.57
N ASP A 213 3.27 -11.78 7.91
CA ASP A 213 2.63 -13.08 7.82
C ASP A 213 3.51 -14.11 8.53
N ASN A 214 3.02 -15.34 8.61
CA ASN A 214 3.72 -16.41 9.30
C ASN A 214 4.29 -17.47 8.36
N ALA A 215 4.40 -17.15 7.06
CA ALA A 215 5.12 -17.99 6.10
C ALA A 215 4.53 -19.41 6.02
N ASP A 216 3.24 -19.50 6.31
CA ASP A 216 2.51 -20.78 6.35
C ASP A 216 1.45 -20.78 5.26
N GLU A 217 0.56 -21.76 5.29
CA GLU A 217 -0.47 -21.92 4.26
C GLU A 217 -1.39 -20.68 4.06
N LYS A 218 -1.57 -19.86 5.11
CA LYS A 218 -2.36 -18.64 5.07
C LYS A 218 -1.53 -17.37 4.81
N ALA A 219 -0.26 -17.53 4.45
CA ALA A 219 0.65 -16.38 4.33
C ALA A 219 0.24 -15.37 3.25
N GLY A 220 -0.29 -15.86 2.12
CA GLY A 220 -0.64 -14.96 1.04
C GLY A 220 -1.72 -13.99 1.48
N MET A 221 -2.74 -14.53 2.14
CA MET A 221 -3.84 -13.72 2.64
C MET A 221 -3.40 -12.76 3.74
N SER A 222 -2.55 -13.24 4.66
CA SER A 222 -2.01 -12.37 5.70
C SER A 222 -1.20 -11.23 5.10
N PHE A 223 -0.31 -11.59 4.16
CA PHE A 223 0.53 -10.61 3.49
C PHE A 223 -0.33 -9.50 2.84
N ASP A 224 -1.36 -9.89 2.10
CA ASP A 224 -2.22 -8.89 1.45
C ASP A 224 -2.89 -7.96 2.49
N GLU A 225 -3.28 -8.53 3.62
CA GLU A 225 -3.93 -7.78 4.68
C GLU A 225 -2.98 -6.78 5.38
N PHE A 226 -1.75 -7.20 5.63
CA PHE A 226 -0.85 -6.45 6.51
C PHE A 226 0.31 -5.74 5.85
N LEU A 227 0.47 -5.88 4.54
CA LEU A 227 1.57 -5.23 3.84
C LEU A 227 1.68 -3.72 4.16
N GLU A 228 0.57 -3.00 4.07
CA GLU A 228 0.57 -1.55 4.32
C GLU A 228 1.04 -1.19 5.71
N LYS A 229 0.44 -1.82 6.72
CA LYS A 229 0.70 -1.48 8.11
C LYS A 229 2.12 -1.87 8.45
N SER A 230 2.52 -3.09 8.08
CA SER A 230 3.90 -3.55 8.37
C SER A 230 4.95 -2.72 7.64
N ALA A 231 4.71 -2.36 6.38
CA ALA A 231 5.63 -1.49 5.64
C ALA A 231 5.80 -0.14 6.34
N HIS A 232 4.70 0.41 6.86
CA HIS A 232 4.75 1.67 7.58
C HIS A 232 5.56 1.58 8.88
N THR A 233 5.36 0.50 9.62
CA THR A 233 6.09 0.24 10.86
C THR A 233 7.59 0.20 10.59
N SER A 234 7.99 -0.51 9.54
CA SER A 234 9.41 -0.57 9.20
C SER A 234 9.92 0.80 8.76
N ALA A 235 9.14 1.48 7.92
CA ALA A 235 9.55 2.79 7.39
C ALA A 235 9.75 3.82 8.51
N LYS A 236 8.85 3.82 9.47
CA LYS A 236 8.93 4.76 10.60
C LYS A 236 10.20 4.54 11.41
N PHE A 237 10.55 3.27 11.62
CA PHE A 237 11.78 2.95 12.33
C PHE A 237 13.01 3.34 11.53
N LEU A 238 13.00 3.08 10.24
CA LEU A 238 14.11 3.47 9.38
C LEU A 238 14.33 4.98 9.44
N LYS A 239 13.23 5.74 9.37
CA LYS A 239 13.37 7.20 9.47
C LYS A 239 14.03 7.61 10.80
N SER A 240 13.65 6.94 11.89
CA SER A 240 14.24 7.27 13.19
C SER A 240 15.75 7.01 13.19
N MET A 241 16.19 5.98 12.47
CA MET A 241 17.64 5.74 12.30
C MET A 241 18.32 6.84 11.49
N VAL A 242 17.73 7.22 10.38
CA VAL A 242 18.29 8.27 9.53
C VAL A 242 18.42 9.59 10.32
N ASP A 243 17.45 9.86 11.19
CA ASP A 243 17.50 11.03 12.09
C ASP A 243 18.73 11.09 12.99
N GLU A 244 19.38 9.96 13.25
CA GLU A 244 20.58 9.88 14.09
C GLU A 244 21.88 9.74 13.31
N LEU A 245 21.81 9.68 11.98
CA LEU A 245 23.03 9.48 11.19
C LEU A 245 23.77 10.79 10.98
N GLN B 14 -20.03 -21.98 5.09
CA GLN B 14 -20.37 -20.54 5.30
C GLN B 14 -21.58 -20.12 4.47
N GLY B 15 -22.09 -18.92 4.73
CA GLY B 15 -23.24 -18.40 4.00
C GLY B 15 -22.88 -17.83 2.64
N VAL B 16 -23.89 -17.33 1.96
CA VAL B 16 -23.70 -16.69 0.67
C VAL B 16 -22.96 -15.37 0.90
N GLN B 17 -22.00 -15.08 0.04
CA GLN B 17 -21.23 -13.83 0.14
C GLN B 17 -22.18 -12.68 -0.25
N LYS B 18 -22.27 -11.63 0.57
CA LYS B 18 -23.12 -10.48 0.28
C LYS B 18 -22.17 -9.30 0.03
N ILE B 19 -22.24 -8.72 -1.16
CA ILE B 19 -21.34 -7.63 -1.54
C ILE B 19 -22.16 -6.40 -1.82
N GLY B 20 -21.84 -5.29 -1.14
CA GLY B 20 -22.44 -4.01 -1.43
C GLY B 20 -21.64 -3.27 -2.49
N ILE B 21 -22.33 -2.70 -3.46
CA ILE B 21 -21.74 -1.96 -4.54
C ILE B 21 -22.42 -0.59 -4.60
N LEU B 22 -21.61 0.47 -4.47
CA LEU B 22 -22.13 1.83 -4.34
C LEU B 22 -21.55 2.78 -5.35
N GLY B 23 -22.40 3.65 -5.88
CA GLY B 23 -22.01 4.88 -6.58
C GLY B 23 -22.72 6.03 -5.89
N ALA B 24 -22.38 7.26 -6.26
CA ALA B 24 -23.06 8.44 -5.73
C ALA B 24 -24.24 8.86 -6.60
N MET B 25 -24.06 8.79 -7.91
CA MET B 25 -25.05 9.26 -8.89
C MET B 25 -25.62 8.10 -9.69
N ARG B 26 -26.83 8.28 -10.18
CA ARG B 26 -27.43 7.25 -11.05
C ARG B 26 -26.49 6.88 -12.19
N GLU B 27 -25.83 7.87 -12.79
CA GLU B 27 -24.90 7.63 -13.90
C GLU B 27 -23.74 6.70 -13.53
N GLU B 28 -23.37 6.66 -12.25
CA GLU B 28 -22.25 5.81 -11.82
C GLU B 28 -22.68 4.35 -11.68
N ILE B 29 -23.98 4.09 -11.43
CA ILE B 29 -24.43 2.70 -11.28
C ILE B 29 -25.12 2.12 -12.52
N THR B 30 -25.61 2.97 -13.42
CA THR B 30 -26.24 2.46 -14.67
C THR B 30 -25.32 1.45 -15.40
N PRO B 31 -24.05 1.81 -15.64
CA PRO B 31 -23.18 0.79 -16.28
C PRO B 31 -22.89 -0.44 -15.43
N ILE B 32 -22.91 -0.30 -14.12
CA ILE B 32 -22.73 -1.45 -13.24
C ILE B 32 -23.88 -2.44 -13.43
N LEU B 33 -25.11 -1.95 -13.35
CA LEU B 33 -26.27 -2.82 -13.52
C LEU B 33 -26.23 -3.50 -14.89
N GLU B 34 -25.90 -2.74 -15.93
N GLU B 34 -25.90 -2.75 -15.93
CA GLU B 34 -25.83 -3.25 -17.31
CA GLU B 34 -25.87 -3.29 -17.30
C GLU B 34 -24.77 -4.34 -17.46
C GLU B 34 -24.76 -4.34 -17.48
N LEU B 35 -23.58 -4.08 -16.92
CA LEU B 35 -22.46 -5.03 -17.04
C LEU B 35 -22.68 -6.36 -16.31
N PHE B 36 -23.31 -6.34 -15.14
CA PHE B 36 -23.60 -7.58 -14.42
C PHE B 36 -24.63 -8.44 -15.18
N GLY B 37 -25.57 -7.77 -15.83
CA GLY B 37 -26.50 -8.40 -16.75
C GLY B 37 -27.49 -9.39 -16.15
N VAL B 38 -27.73 -9.29 -14.84
CA VAL B 38 -28.64 -10.18 -14.13
C VAL B 38 -29.89 -9.40 -13.74
N ASP B 39 -30.92 -10.12 -13.34
CA ASP B 39 -32.16 -9.51 -12.91
C ASP B 39 -31.97 -8.99 -11.49
N PHE B 40 -32.44 -7.75 -11.27
CA PHE B 40 -32.38 -7.13 -9.95
C PHE B 40 -33.79 -6.85 -9.42
N GLU B 41 -34.01 -7.16 -8.16
CA GLU B 41 -35.20 -6.74 -7.41
C GLU B 41 -34.90 -5.37 -6.83
N GLU B 42 -35.81 -4.41 -7.04
CA GLU B 42 -35.65 -3.07 -6.49
C GLU B 42 -36.34 -2.97 -5.13
N ILE B 43 -35.57 -2.56 -4.12
CA ILE B 43 -36.05 -2.52 -2.75
C ILE B 43 -35.85 -1.11 -2.22
N PRO B 44 -36.95 -0.39 -1.91
CA PRO B 44 -36.82 0.94 -1.33
C PRO B 44 -36.58 0.92 0.18
N LEU B 45 -35.69 1.81 0.65
CA LEU B 45 -35.41 1.94 2.07
C LEU B 45 -34.64 3.24 2.30
N GLY B 46 -35.12 4.05 3.24
CA GLY B 46 -34.44 5.30 3.61
C GLY B 46 -34.17 6.26 2.49
N GLY B 47 -35.06 6.33 1.49
CA GLY B 47 -34.87 7.24 0.37
C GLY B 47 -33.95 6.74 -0.72
N ASN B 48 -33.45 5.51 -0.59
CA ASN B 48 -32.65 4.87 -1.62
C ASN B 48 -33.41 3.71 -2.21
N VAL B 49 -32.98 3.31 -3.40
CA VAL B 49 -33.44 2.08 -4.05
C VAL B 49 -32.24 1.15 -4.13
N PHE B 50 -32.36 -0.01 -3.52
CA PHE B 50 -31.33 -1.05 -3.53
C PHE B 50 -31.69 -2.10 -4.58
N HIS B 51 -30.74 -2.44 -5.42
CA HIS B 51 -30.92 -3.40 -6.53
C HIS B 51 -30.24 -4.68 -6.10
N LYS B 52 -31.04 -5.70 -5.80
CA LYS B 52 -30.55 -6.95 -5.21
C LYS B 52 -30.62 -8.04 -6.28
N GLY B 53 -29.47 -8.67 -6.53
CA GLY B 53 -29.32 -9.71 -7.53
C GLY B 53 -28.39 -10.82 -7.08
N VAL B 54 -28.33 -11.87 -7.89
CA VAL B 54 -27.46 -12.99 -7.64
C VAL B 54 -26.53 -13.08 -8.82
N TYR B 55 -25.23 -13.13 -8.51
CA TYR B 55 -24.19 -13.15 -9.52
C TYR B 55 -23.14 -14.15 -9.08
N HIS B 56 -22.99 -15.22 -9.87
CA HIS B 56 -22.18 -16.39 -9.49
C HIS B 56 -22.64 -16.84 -8.10
N ASN B 57 -21.77 -17.08 -7.11
CA ASN B 57 -22.27 -17.53 -5.77
C ASN B 57 -22.43 -16.37 -4.79
N LYS B 58 -22.72 -15.17 -5.31
CA LYS B 58 -22.72 -13.97 -4.50
C LYS B 58 -24.03 -13.23 -4.64
N GLU B 59 -24.49 -12.69 -3.53
CA GLU B 59 -25.57 -11.74 -3.52
C GLU B 59 -24.95 -10.37 -3.68
N ILE B 60 -25.37 -9.63 -4.69
CA ILE B 60 -24.89 -8.27 -4.93
C ILE B 60 -26.02 -7.26 -4.68
N ILE B 61 -25.72 -6.21 -3.92
CA ILE B 61 -26.69 -5.19 -3.59
C ILE B 61 -26.10 -3.90 -4.12
N VAL B 62 -26.73 -3.32 -5.12
CA VAL B 62 -26.22 -2.14 -5.83
C VAL B 62 -27.13 -0.94 -5.56
N ALA B 63 -26.54 0.22 -5.28
CA ALA B 63 -27.32 1.45 -5.10
C ALA B 63 -26.49 2.66 -5.44
N TYR B 64 -27.15 3.75 -5.83
CA TYR B 64 -26.52 5.07 -5.80
C TYR B 64 -27.04 5.81 -4.58
N SER B 65 -26.13 6.47 -3.85
CA SER B 65 -26.50 7.08 -2.57
C SER B 65 -27.23 8.41 -2.74
N LYS B 66 -26.97 9.09 -3.86
CA LYS B 66 -27.17 10.53 -4.05
C LYS B 66 -25.90 11.26 -3.54
N ILE B 67 -25.73 12.49 -3.97
CA ILE B 67 -24.45 13.18 -3.85
C ILE B 67 -24.13 13.58 -2.42
N GLY B 68 -22.85 13.44 -2.05
CA GLY B 68 -22.34 14.08 -0.83
C GLY B 68 -22.22 13.18 0.39
N LYS B 69 -21.73 13.78 1.46
CA LYS B 69 -21.34 13.02 2.64
C LYS B 69 -22.49 12.44 3.44
N VAL B 70 -23.55 13.22 3.68
CA VAL B 70 -24.71 12.71 4.43
C VAL B 70 -25.41 11.59 3.67
N HIS B 71 -25.69 11.82 2.37
CA HIS B 71 -26.32 10.80 1.54
C HIS B 71 -25.52 9.49 1.60
N SER B 72 -24.21 9.58 1.36
CA SER B 72 -23.41 8.38 1.24
C SER B 72 -23.23 7.69 2.59
N THR B 73 -23.16 8.45 3.68
CA THR B 73 -23.08 7.86 5.01
C THR B 73 -24.35 7.05 5.31
N LEU B 74 -25.51 7.67 5.04
CA LEU B 74 -26.79 6.99 5.21
C LEU B 74 -26.86 5.67 4.44
N THR B 75 -26.61 5.73 3.15
CA THR B 75 -26.75 4.58 2.27
C THR B 75 -25.80 3.44 2.66
N THR B 76 -24.57 3.79 3.02
CA THR B 76 -23.61 2.77 3.45
C THR B 76 -24.07 2.10 4.74
N THR B 77 -24.59 2.90 5.67
CA THR B 77 -25.08 2.37 6.94
C THR B 77 -26.27 1.43 6.67
N SER B 78 -27.18 1.84 5.78
CA SER B 78 -28.29 0.95 5.37
C SER B 78 -27.83 -0.36 4.76
N MET B 79 -26.85 -0.29 3.86
N MET B 79 -26.84 -0.31 3.87
CA MET B 79 -26.31 -1.51 3.25
CA MET B 79 -26.30 -1.54 3.27
C MET B 79 -25.82 -2.51 4.29
C MET B 79 -25.83 -2.53 4.31
N ILE B 80 -25.09 -2.01 5.29
CA ILE B 80 -24.52 -2.84 6.33
C ILE B 80 -25.59 -3.38 7.27
N LEU B 81 -26.46 -2.51 7.77
CA LEU B 81 -27.41 -2.92 8.81
C LEU B 81 -28.64 -3.62 8.26
N ALA B 82 -29.18 -3.14 7.15
CA ALA B 82 -30.40 -3.71 6.58
C ALA B 82 -30.13 -4.87 5.62
N PHE B 83 -29.03 -4.83 4.88
CA PHE B 83 -28.75 -5.85 3.86
C PHE B 83 -27.62 -6.82 4.21
N GLY B 84 -26.96 -6.61 5.35
CA GLY B 84 -25.93 -7.51 5.85
C GLY B 84 -24.72 -7.67 4.96
N VAL B 85 -24.33 -6.62 4.23
CA VAL B 85 -23.18 -6.79 3.32
C VAL B 85 -21.90 -7.03 4.12
N GLN B 86 -21.03 -7.86 3.57
CA GLN B 86 -19.79 -8.24 4.22
C GLN B 86 -18.60 -7.46 3.67
N LYS B 87 -18.76 -6.85 2.50
CA LYS B 87 -17.76 -5.98 1.86
C LYS B 87 -18.49 -4.88 1.11
N VAL B 88 -17.85 -3.71 0.96
CA VAL B 88 -18.41 -2.63 0.17
C VAL B 88 -17.38 -2.17 -0.86
N LEU B 89 -17.79 -2.14 -2.12
CA LEU B 89 -16.99 -1.61 -3.20
C LEU B 89 -17.68 -0.39 -3.75
N PHE B 90 -16.96 0.74 -3.76
CA PHE B 90 -17.47 1.97 -4.33
C PHE B 90 -16.88 2.21 -5.72
N SER B 91 -17.71 2.60 -6.68
CA SER B 91 -17.29 2.94 -8.03
C SER B 91 -17.88 4.25 -8.49
N GLY B 92 -17.04 5.12 -9.05
CA GLY B 92 -17.51 6.41 -9.54
C GLY B 92 -16.40 7.25 -10.10
N VAL B 93 -16.66 8.55 -10.19
CA VAL B 93 -15.72 9.46 -10.83
C VAL B 93 -15.13 10.42 -9.81
N ALA B 94 -14.04 11.09 -10.17
CA ALA B 94 -13.37 12.02 -9.24
C ALA B 94 -12.58 13.07 -9.99
N GLY B 95 -12.29 14.17 -9.30
CA GLY B 95 -11.40 15.19 -9.82
C GLY B 95 -9.95 14.86 -9.49
N SER B 96 -9.07 15.03 -10.49
CA SER B 96 -7.62 14.84 -10.29
C SER B 96 -6.94 16.06 -9.68
N LEU B 97 -6.06 15.79 -8.71
CA LEU B 97 -5.25 16.82 -8.07
C LEU B 97 -3.78 16.77 -8.47
N VAL B 98 -3.41 15.78 -9.28
CA VAL B 98 -2.00 15.52 -9.60
C VAL B 98 -1.83 15.33 -11.10
N LYS B 99 -0.72 15.84 -11.63
CA LYS B 99 -0.46 15.84 -13.09
C LYS B 99 -0.54 14.45 -13.72
N ASP B 100 -0.10 13.43 -13.01
CA ASP B 100 -0.06 12.07 -13.56
C ASP B 100 -1.41 11.34 -13.56
N LEU B 101 -2.45 11.92 -12.96
CA LEU B 101 -3.79 11.34 -13.03
C LEU B 101 -4.57 12.13 -14.06
N LYS B 102 -4.78 11.51 -15.22
CA LYS B 102 -5.41 12.14 -16.37
C LYS B 102 -6.86 11.70 -16.45
N ILE B 103 -7.65 12.44 -17.24
CA ILE B 103 -9.04 12.04 -17.50
C ILE B 103 -9.09 10.57 -17.91
N ASN B 104 -10.02 9.85 -17.31
CA ASN B 104 -10.28 8.42 -17.50
C ASN B 104 -9.40 7.49 -16.68
N ASP B 105 -8.30 7.99 -16.09
CA ASP B 105 -7.42 7.13 -15.32
C ASP B 105 -8.13 6.62 -14.09
N LEU B 106 -7.75 5.41 -13.69
CA LEU B 106 -8.29 4.76 -12.51
C LEU B 106 -7.35 4.91 -11.32
N LEU B 107 -7.95 5.16 -10.16
CA LEU B 107 -7.23 5.08 -8.91
C LEU B 107 -8.02 4.37 -7.86
N VAL B 108 -7.30 3.67 -7.00
CA VAL B 108 -7.86 3.12 -5.79
C VAL B 108 -7.39 3.95 -4.59
N ALA B 109 -8.28 4.25 -3.65
CA ALA B 109 -7.91 4.98 -2.45
C ALA B 109 -7.06 4.10 -1.52
N THR B 110 -5.96 4.67 -1.05
CA THR B 110 -5.23 4.06 0.04
C THR B 110 -5.88 4.46 1.32
N GLN B 111 -5.92 5.77 1.55
CA GLN B 111 -6.58 6.37 2.71
C GLN B 111 -7.44 7.54 2.26
N LEU B 112 -8.40 7.92 3.08
CA LEU B 112 -9.32 9.01 2.75
C LEU B 112 -9.43 10.03 3.88
N VAL B 113 -9.82 11.25 3.54
CA VAL B 113 -9.96 12.34 4.50
C VAL B 113 -11.18 13.17 4.18
N GLN B 114 -11.79 13.73 5.22
CA GLN B 114 -12.87 14.72 5.04
C GLN B 114 -12.21 16.08 5.04
N HIS B 115 -12.02 16.62 3.84
CA HIS B 115 -11.18 17.81 3.68
C HIS B 115 -11.80 19.09 4.15
N ASP B 116 -13.13 19.10 4.35
CA ASP B 116 -13.85 20.28 4.76
C ASP B 116 -14.16 20.37 6.25
N VAL B 117 -13.63 19.41 7.03
CA VAL B 117 -13.79 19.46 8.47
C VAL B 117 -12.85 20.51 9.05
N ASP B 118 -13.38 21.41 9.88
CA ASP B 118 -12.58 22.54 10.42
C ASP B 118 -12.96 22.84 11.85
N LEU B 119 -12.16 22.29 12.77
CA LEU B 119 -12.26 22.59 14.21
C LEU B 119 -11.00 23.33 14.66
N SER B 120 -10.44 24.13 13.76
CA SER B 120 -9.24 24.92 14.06
C SER B 120 -9.48 25.97 15.13
N ALA B 121 -10.73 26.36 15.40
CA ALA B 121 -11.04 27.27 16.53
C ALA B 121 -10.57 26.71 17.88
N PHE B 122 -10.42 25.39 17.96
CA PHE B 122 -9.96 24.70 19.17
C PHE B 122 -8.57 24.12 18.98
N ASP B 123 -7.84 24.65 17.98
CA ASP B 123 -6.48 24.19 17.67
C ASP B 123 -6.37 22.73 17.23
N HIS B 124 -7.46 22.16 16.70
CA HIS B 124 -7.37 20.86 16.04
C HIS B 124 -6.88 21.03 14.60
N PRO B 125 -6.05 20.09 14.14
CA PRO B 125 -5.64 20.12 12.73
C PRO B 125 -6.84 19.99 11.81
N LEU B 126 -6.74 20.57 10.63
CA LEU B 126 -7.85 20.48 9.66
C LEU B 126 -8.07 19.01 9.30
N GLY B 127 -9.34 18.63 9.16
CA GLY B 127 -9.68 17.22 8.90
C GLY B 127 -9.97 16.40 10.14
N PHE B 128 -9.55 16.87 11.31
CA PHE B 128 -9.62 16.08 12.53
C PHE B 128 -10.87 16.39 13.35
N ILE B 129 -11.51 15.34 13.84
CA ILE B 129 -12.56 15.43 14.83
C ILE B 129 -12.17 14.61 16.06
N PRO B 130 -12.36 15.18 17.25
CA PRO B 130 -12.14 14.37 18.46
C PRO B 130 -12.85 13.02 18.43
N GLU B 131 -12.17 12.00 18.97
CA GLU B 131 -12.65 10.62 18.98
C GLU B 131 -12.68 10.01 17.58
N SER B 132 -11.96 10.64 16.64
CA SER B 132 -11.77 10.09 15.31
C SER B 132 -10.31 10.29 14.89
N ALA B 133 -10.08 10.40 13.59
CA ALA B 133 -8.76 10.60 13.02
C ALA B 133 -8.88 11.27 11.68
N ILE B 134 -7.82 11.96 11.26
CA ILE B 134 -7.81 12.60 9.96
C ILE B 134 -8.01 11.58 8.82
N PHE B 135 -7.19 10.53 8.82
CA PHE B 135 -7.16 9.57 7.73
C PHE B 135 -7.90 8.29 8.07
N ILE B 136 -8.70 7.82 7.11
CA ILE B 136 -9.47 6.61 7.20
C ILE B 136 -8.85 5.56 6.28
N GLU B 137 -8.63 4.35 6.79
CA GLU B 137 -8.02 3.27 6.03
C GLU B 137 -9.03 2.41 5.27
N THR B 138 -8.52 1.69 4.26
CA THR B 138 -9.31 0.80 3.41
C THR B 138 -8.75 -0.63 3.47
N SER B 139 -9.39 -1.53 2.74
CA SER B 139 -9.03 -2.95 2.79
C SER B 139 -7.77 -3.28 2.00
N GLY B 140 -6.74 -3.77 2.69
CA GLY B 140 -5.56 -4.30 1.99
C GLY B 140 -5.81 -5.44 1.05
N SER B 141 -6.68 -6.37 1.44
N SER B 141 -6.69 -6.37 1.46
CA SER B 141 -6.99 -7.51 0.56
CA SER B 141 -7.05 -7.49 0.63
C SER B 141 -7.74 -7.07 -0.69
C SER B 141 -7.72 -7.04 -0.68
N LEU B 142 -8.67 -6.13 -0.57
CA LEU B 142 -9.37 -5.61 -1.74
C LEU B 142 -8.46 -4.76 -2.61
N ASN B 143 -7.61 -3.94 -1.99
CA ASN B 143 -6.67 -3.13 -2.78
C ASN B 143 -5.68 -4.05 -3.52
N ALA B 144 -5.25 -5.14 -2.89
CA ALA B 144 -4.42 -6.17 -3.55
C ALA B 144 -5.13 -6.84 -4.73
N LEU B 145 -6.42 -7.11 -4.57
CA LEU B 145 -7.21 -7.66 -5.66
C LEU B 145 -7.27 -6.68 -6.84
N ALA B 146 -7.52 -5.41 -6.54
CA ALA B 146 -7.53 -4.39 -7.60
C ALA B 146 -6.20 -4.37 -8.39
N LYS B 147 -5.09 -4.39 -7.66
CA LYS B 147 -3.78 -4.37 -8.32
C LYS B 147 -3.50 -5.61 -9.14
N LYS B 148 -3.94 -6.77 -8.64
CA LYS B 148 -3.77 -8.04 -9.35
C LYS B 148 -4.51 -7.99 -10.69
N ILE B 149 -5.76 -7.56 -10.66
CA ILE B 149 -6.58 -7.43 -11.86
C ILE B 149 -5.99 -6.41 -12.84
N ALA B 150 -5.57 -5.26 -12.33
CA ALA B 150 -5.02 -4.23 -13.20
C ALA B 150 -3.77 -4.76 -13.95
N ASN B 151 -2.92 -5.48 -13.22
CA ASN B 151 -1.72 -6.07 -13.80
C ASN B 151 -2.06 -7.11 -14.85
N GLU B 152 -3.02 -7.98 -14.57
CA GLU B 152 -3.40 -9.00 -15.57
C GLU B 152 -4.10 -8.42 -16.80
N GLN B 153 -4.82 -7.31 -16.64
CA GLN B 153 -5.48 -6.62 -17.75
C GLN B 153 -4.61 -5.58 -18.44
N HIS B 154 -3.38 -5.38 -17.96
CA HIS B 154 -2.44 -4.39 -18.50
C HIS B 154 -3.03 -2.98 -18.47
N ILE B 155 -3.68 -2.63 -17.36
CA ILE B 155 -4.24 -1.30 -17.20
C ILE B 155 -3.52 -0.62 -16.06
N ALA B 156 -3.25 0.67 -16.24
CA ALA B 156 -2.64 1.46 -15.23
C ALA B 156 -3.68 1.62 -14.12
N LEU B 157 -3.27 1.32 -12.91
CA LEU B 157 -4.07 1.64 -11.74
C LEU B 157 -3.16 2.37 -10.81
N LYS B 158 -3.52 3.60 -10.44
CA LYS B 158 -2.79 4.33 -9.42
C LYS B 158 -3.42 4.08 -8.07
N GLU B 159 -2.68 4.41 -7.03
CA GLU B 159 -3.23 4.40 -5.68
C GLU B 159 -2.81 5.68 -4.98
N GLY B 160 -3.64 6.13 -4.04
CA GLY B 160 -3.34 7.36 -3.32
C GLY B 160 -4.46 7.84 -2.45
N VAL B 161 -4.22 8.97 -1.80
CA VAL B 161 -5.15 9.56 -0.85
C VAL B 161 -6.28 10.27 -1.61
N ILE B 162 -7.52 10.01 -1.17
CA ILE B 162 -8.68 10.68 -1.75
C ILE B 162 -9.29 11.58 -0.69
N ALA B 163 -9.51 12.84 -1.06
CA ALA B 163 -10.16 13.82 -0.20
C ALA B 163 -11.63 13.91 -0.58
N SER B 164 -12.50 13.97 0.42
CA SER B 164 -13.95 14.07 0.23
C SER B 164 -14.51 15.25 1.02
N GLY B 165 -15.44 15.98 0.41
CA GLY B 165 -16.11 17.10 1.08
C GLY B 165 -17.43 17.38 0.42
N ASP B 166 -18.19 18.32 0.98
CA ASP B 166 -19.53 18.64 0.46
C ASP B 166 -19.55 19.84 -0.49
N GLN B 167 -18.43 20.06 -1.15
CA GLN B 167 -18.31 21.08 -2.19
C GLN B 167 -17.70 20.43 -3.43
N PHE B 168 -18.20 20.84 -4.59
CA PHE B 168 -17.54 20.47 -5.85
C PHE B 168 -16.36 21.41 -5.98
N VAL B 169 -15.14 20.86 -6.11
CA VAL B 169 -13.92 21.66 -6.14
C VAL B 169 -13.63 22.11 -7.56
N HIS B 170 -13.48 23.43 -7.74
CA HIS B 170 -13.29 23.98 -9.07
C HIS B 170 -12.43 25.23 -9.01
N SER B 171 -11.34 25.15 -8.28
CA SER B 171 -10.41 26.26 -8.18
C SER B 171 -8.98 25.82 -7.92
N LYS B 172 -8.04 26.56 -8.53
CA LYS B 172 -6.62 26.33 -8.28
C LYS B 172 -6.31 26.40 -6.79
N GLU B 173 -6.87 27.39 -6.10
CA GLU B 173 -6.60 27.64 -4.67
C GLU B 173 -7.00 26.44 -3.83
N ARG B 174 -8.20 25.90 -4.07
CA ARG B 174 -8.66 24.76 -3.27
C ARG B 174 -7.88 23.48 -3.60
N LYS B 175 -7.58 23.24 -4.87
CA LYS B 175 -6.74 22.11 -5.26
C LYS B 175 -5.42 22.11 -4.51
N GLU B 176 -4.75 23.25 -4.54
CA GLU B 176 -3.44 23.35 -3.90
C GLU B 176 -3.49 23.10 -2.40
N PHE B 177 -4.54 23.59 -1.75
CA PHE B 177 -4.81 23.28 -0.34
C PHE B 177 -4.92 21.78 -0.09
N LEU B 178 -5.68 21.08 -0.93
CA LEU B 178 -5.88 19.64 -0.71
C LEU B 178 -4.56 18.87 -0.82
N VAL B 179 -3.72 19.29 -1.78
CA VAL B 179 -2.41 18.68 -1.97
C VAL B 179 -1.48 19.01 -0.78
N SER B 180 -1.42 20.30 -0.41
CA SER B 180 -0.52 20.73 0.67
C SER B 180 -0.92 20.16 2.03
N GLU B 181 -2.21 20.25 2.34
CA GLU B 181 -2.70 19.84 3.65
C GLU B 181 -2.78 18.34 3.85
N PHE B 182 -3.27 17.62 2.84
CA PHE B 182 -3.60 16.21 2.95
C PHE B 182 -2.83 15.27 2.04
N LYS B 183 -1.97 15.82 1.18
CA LYS B 183 -1.25 15.03 0.19
C LYS B 183 -2.20 14.20 -0.65
N ALA B 184 -3.38 14.78 -0.94
CA ALA B 184 -4.42 14.05 -1.70
C ALA B 184 -4.06 13.99 -3.19
N SER B 185 -4.49 12.90 -3.84
CA SER B 185 -4.34 12.71 -5.28
C SER B 185 -5.61 13.00 -6.11
N ALA B 186 -6.77 12.86 -5.46
CA ALA B 186 -8.04 13.05 -6.11
C ALA B 186 -9.03 13.59 -5.11
N VAL B 187 -10.11 14.18 -5.62
CA VAL B 187 -11.14 14.78 -4.79
C VAL B 187 -12.53 14.32 -5.26
N GLU B 188 -13.40 14.08 -4.29
CA GLU B 188 -14.78 13.70 -4.57
C GLU B 188 -15.63 14.04 -3.36
N MET B 189 -16.86 13.51 -3.25
CA MET B 189 -17.78 13.97 -2.21
C MET B 189 -18.40 12.84 -1.39
N GLU B 190 -17.85 11.62 -1.49
CA GLU B 190 -18.46 10.46 -0.84
C GLU B 190 -17.51 9.40 -0.31
N GLY B 191 -16.31 9.29 -0.87
CA GLY B 191 -15.43 8.19 -0.52
C GLY B 191 -15.11 8.10 0.95
N ALA B 192 -14.75 9.22 1.55
CA ALA B 192 -14.35 9.23 2.95
C ALA B 192 -15.50 8.80 3.85
N SER B 193 -16.71 9.25 3.55
CA SER B 193 -17.85 8.89 4.37
C SER B 193 -18.19 7.39 4.23
N VAL B 194 -18.13 6.86 3.01
CA VAL B 194 -18.36 5.41 2.80
C VAL B 194 -17.31 4.60 3.56
N ALA B 195 -16.05 4.97 3.38
CA ALA B 195 -14.94 4.26 4.02
C ALA B 195 -15.02 4.38 5.54
N PHE B 196 -15.43 5.55 6.03
CA PHE B 196 -15.60 5.79 7.46
C PHE B 196 -16.63 4.82 8.06
N VAL B 197 -17.80 4.76 7.44
CA VAL B 197 -18.86 3.88 7.93
C VAL B 197 -18.37 2.43 7.95
N CYS B 198 -17.75 2.00 6.86
CA CYS B 198 -17.25 0.62 6.78
C CYS B 198 -16.25 0.32 7.89
N GLN B 199 -15.33 1.25 8.12
CA GLN B 199 -14.35 1.07 9.20
C GLN B 199 -15.04 0.94 10.55
N LYS B 200 -16.07 1.76 10.81
CA LYS B 200 -16.77 1.69 12.10
C LYS B 200 -17.48 0.36 12.37
N PHE B 201 -17.94 -0.28 11.32
CA PHE B 201 -18.67 -1.56 11.40
C PHE B 201 -17.74 -2.75 11.14
N GLY B 202 -16.46 -2.51 10.89
CA GLY B 202 -15.52 -3.60 10.60
C GLY B 202 -15.73 -4.30 9.27
N VAL B 203 -16.23 -3.57 8.26
CA VAL B 203 -16.54 -4.10 6.96
C VAL B 203 -15.44 -3.67 5.97
N PRO B 204 -14.80 -4.62 5.28
CA PRO B 204 -13.83 -4.27 4.25
C PRO B 204 -14.39 -3.36 3.17
N CYS B 205 -13.63 -2.34 2.80
CA CYS B 205 -14.07 -1.32 1.84
C CYS B 205 -12.96 -1.05 0.81
N CYS B 206 -13.34 -0.89 -0.45
CA CYS B 206 -12.47 -0.40 -1.49
C CYS B 206 -13.18 0.75 -2.18
N VAL B 207 -12.47 1.85 -2.39
CA VAL B 207 -13.01 3.01 -3.15
C VAL B 207 -12.24 3.15 -4.46
N LEU B 208 -12.94 2.97 -5.58
N LEU B 208 -12.95 3.03 -5.57
CA LEU B 208 -12.40 3.10 -6.93
CA LEU B 208 -12.38 3.07 -6.89
C LEU B 208 -12.98 4.32 -7.59
C LEU B 208 -12.97 4.27 -7.61
N ARG B 209 -12.13 5.10 -8.24
CA ARG B 209 -12.59 6.30 -8.96
C ARG B 209 -11.87 6.39 -10.29
N SER B 210 -12.58 6.86 -11.30
CA SER B 210 -12.02 7.23 -12.60
C SER B 210 -12.10 8.74 -12.76
N ILE B 211 -11.05 9.35 -13.25
CA ILE B 211 -10.96 10.81 -13.32
C ILE B 211 -11.91 11.40 -14.37
N SER B 212 -12.72 12.38 -13.94
CA SER B 212 -13.64 13.11 -14.84
C SER B 212 -13.22 14.55 -15.14
N ASP B 213 -12.31 15.11 -14.35
CA ASP B 213 -11.95 16.51 -14.45
C ASP B 213 -10.71 16.80 -13.63
N ASN B 214 -10.22 18.02 -13.71
CA ASN B 214 -9.01 18.44 -13.00
C ASN B 214 -9.28 19.38 -11.83
N ALA B 215 -10.52 19.42 -11.35
CA ALA B 215 -10.88 20.11 -10.10
C ALA B 215 -10.52 21.60 -10.13
N ASP B 216 -10.48 22.16 -11.33
CA ASP B 216 -10.07 23.55 -11.57
C ASP B 216 -11.26 24.33 -12.11
N GLU B 217 -11.01 25.55 -12.58
N GLU B 217 -11.05 25.55 -12.62
CA GLU B 217 -12.08 26.42 -13.05
CA GLU B 217 -12.18 26.40 -13.06
C GLU B 217 -12.95 25.83 -14.18
C GLU B 217 -13.00 25.82 -14.21
N LYS B 218 -12.40 24.90 -14.97
CA LYS B 218 -13.12 24.19 -16.04
C LYS B 218 -13.73 22.87 -15.60
N ALA B 219 -13.69 22.56 -14.30
CA ALA B 219 -14.11 21.24 -13.85
C ALA B 219 -15.57 20.93 -14.07
N GLY B 220 -16.47 21.92 -13.93
CA GLY B 220 -17.89 21.64 -14.14
C GLY B 220 -18.17 21.16 -15.56
N MET B 221 -17.57 21.87 -16.50
CA MET B 221 -17.70 21.50 -17.93
C MET B 221 -17.02 20.18 -18.24
N SER B 222 -15.83 19.96 -17.69
CA SER B 222 -15.14 18.67 -17.90
C SER B 222 -15.95 17.53 -17.32
N PHE B 223 -16.45 17.70 -16.10
CA PHE B 223 -17.27 16.69 -15.45
C PHE B 223 -18.48 16.33 -16.32
N ASP B 224 -19.19 17.33 -16.80
CA ASP B 224 -20.36 17.05 -17.66
C ASP B 224 -19.96 16.27 -18.94
N GLU B 225 -18.82 16.60 -19.49
CA GLU B 225 -18.32 15.95 -20.70
C GLU B 225 -17.93 14.49 -20.46
N PHE B 226 -17.27 14.21 -19.32
CA PHE B 226 -16.64 12.90 -19.11
C PHE B 226 -17.32 11.99 -18.11
N LEU B 227 -18.38 12.44 -17.45
CA LEU B 227 -19.06 11.61 -16.44
C LEU B 227 -19.40 10.20 -16.96
N GLU B 228 -20.04 10.15 -18.13
CA GLU B 228 -20.47 8.86 -18.70
C GLU B 228 -19.30 7.91 -18.95
N LYS B 229 -18.26 8.41 -19.62
CA LYS B 229 -17.14 7.57 -20.02
C LYS B 229 -16.38 7.12 -18.78
N SER B 230 -16.08 8.08 -17.90
CA SER B 230 -15.34 7.75 -16.67
C SER B 230 -16.12 6.81 -15.75
N ALA B 231 -17.43 7.01 -15.62
CA ALA B 231 -18.28 6.11 -14.84
C ALA B 231 -18.25 4.69 -15.39
N HIS B 232 -18.24 4.55 -16.72
CA HIS B 232 -18.18 3.25 -17.35
C HIS B 232 -16.81 2.56 -17.08
N THR B 233 -15.73 3.33 -17.19
CA THR B 233 -14.38 2.84 -16.92
C THR B 233 -14.30 2.27 -15.49
N SER B 234 -14.81 3.02 -14.52
CA SER B 234 -14.80 2.54 -13.15
C SER B 234 -15.69 1.32 -12.99
N ALA B 235 -16.87 1.36 -13.57
CA ALA B 235 -17.82 0.23 -13.46
C ALA B 235 -17.26 -1.07 -14.02
N LYS B 236 -16.61 -0.97 -15.17
CA LYS B 236 -15.99 -2.15 -15.81
C LYS B 236 -14.93 -2.76 -14.91
N PHE B 237 -14.12 -1.91 -14.29
CA PHE B 237 -13.10 -2.39 -13.38
C PHE B 237 -13.69 -3.01 -12.12
N LEU B 238 -14.73 -2.39 -11.55
CA LEU B 238 -15.40 -2.93 -10.39
C LEU B 238 -15.95 -4.31 -10.71
N LYS B 239 -16.57 -4.46 -11.87
CA LYS B 239 -17.11 -5.78 -12.25
C LYS B 239 -15.99 -6.82 -12.32
N SER B 240 -14.84 -6.43 -12.86
CA SER B 240 -13.71 -7.37 -12.96
C SER B 240 -13.25 -7.81 -11.58
N MET B 241 -13.31 -6.92 -10.58
CA MET B 241 -13.01 -7.30 -9.19
C MET B 241 -14.03 -8.30 -8.65
N VAL B 242 -15.32 -8.02 -8.85
CA VAL B 242 -16.36 -8.89 -8.34
C VAL B 242 -16.23 -10.30 -8.97
N ASP B 243 -15.84 -10.36 -10.23
CA ASP B 243 -15.58 -11.64 -10.92
C ASP B 243 -14.53 -12.53 -10.24
N GLU B 244 -13.64 -11.94 -9.44
CA GLU B 244 -12.60 -12.66 -8.71
C GLU B 244 -12.89 -12.89 -7.25
N LEU B 245 -14.00 -12.36 -6.74
CA LEU B 245 -14.31 -12.53 -5.32
C LEU B 245 -14.95 -13.88 -5.03
C1 EDO C . 31.09 -3.40 12.59
O1 EDO C . 30.32 -2.23 12.34
C2 EDO C . 31.46 -4.05 11.27
O2 EDO C . 30.23 -4.31 10.57
C1 EDO D . 10.99 0.71 -9.43
O1 EDO D . 12.26 1.24 -9.16
C2 EDO D . 10.81 0.17 -10.85
O2 EDO D . 10.94 1.21 -11.82
C1 EDO E . 23.13 -26.57 9.33
O1 EDO E . 24.43 -27.15 9.24
C2 EDO E . 22.28 -27.33 10.34
O2 EDO E . 22.38 -26.66 11.61
C1 EDO F . 12.74 -24.56 -2.55
O1 EDO F . 12.83 -25.94 -2.93
C2 EDO F . 14.12 -23.92 -2.67
O2 EDO F . 14.67 -24.11 -3.98
C1 EDO G . 4.23 -30.00 10.73
O1 EDO G . 4.61 -29.13 11.81
C2 EDO G . 5.49 -30.52 10.03
O2 EDO G . 5.17 -31.08 8.75
N6 OS3 H . 6.17 -15.69 3.45
C6 OS3 H . 7.09 -14.99 2.78
N1 OS3 H . 8.02 -15.57 1.96
C2 OS3 H . 8.96 -14.84 1.31
N3 OS3 H . 9.01 -13.50 1.37
C5 OS3 H . 7.08 -13.54 2.91
C4 OS3 H . 8.10 -12.86 2.16
N7 OS3 H . 6.33 -12.63 3.56
C8 OS3 H . 6.84 -11.38 3.30
C9 OS3 H . 7.92 -11.43 2.42
C10 OS3 H . 8.75 -10.26 1.94
N1A OS3 H . 8.63 -9.74 0.56
C2A OS3 H . 9.26 -10.59 -0.47
C3A OS3 H . 8.64 -10.04 -1.71
O3A OS3 H . 9.22 -8.76 -2.04
C1A OS3 H . 7.23 -9.48 0.14
C4A OS3 H . 7.17 -9.90 -1.33
C5A OS3 H . 6.37 -11.20 -1.46
S5A OS3 H . 6.04 -11.70 -3.15
C20 OS3 H . 4.64 -10.73 -3.54
C21 OS3 H . 4.00 -11.23 -4.84
C22 OS3 H . 2.62 -10.59 -4.98
C23 OS3 H . 2.76 -9.19 -5.37
C24 OS3 H . 2.93 -7.99 -5.77
C1 EDO I . -31.19 6.20 -5.23
O1 EDO I . -30.98 5.24 -4.21
C2 EDO I . -32.27 7.19 -4.81
O2 EDO I . -33.53 6.55 -4.97
C1 EDO J . -13.71 25.17 1.85
O1 EDO J . -14.29 26.48 1.90
C2 EDO J . -14.75 24.13 2.24
O2 EDO J . -15.39 24.47 3.48
C1 EDO K . -10.29 30.10 19.82
O1 EDO K . -10.95 30.17 18.55
C2 EDO K . -9.89 31.50 20.27
O2 EDO K . -10.25 31.71 21.63
C1 EDO L . -18.77 18.43 -24.66
O1 EDO L . -18.21 19.68 -25.05
C2 EDO L . -19.38 18.69 -23.33
O2 EDO L . -20.14 17.60 -22.79
N6 OS3 M . -13.95 18.43 -8.97
C6 OS3 M . -14.68 17.67 -8.13
N1 OS3 M . -14.98 18.02 -6.84
C2 OS3 M . -15.71 17.20 -6.04
N3 OS3 M . -16.16 16.00 -6.44
C5 OS3 M . -15.19 16.39 -8.62
C4 OS3 M . -15.93 15.60 -7.70
N7 OS3 M . -15.12 15.70 -9.80
C8 OS3 M . -15.82 14.54 -9.65
C9 OS3 M . -16.35 14.38 -8.40
C10 OS3 M . -17.11 13.18 -7.91
N1A OS3 M . -18.57 13.26 -7.69
C2A OS3 M . -18.99 14.02 -6.51
C3A OS3 M . -20.48 14.21 -6.79
O3A OS3 M . -21.14 12.96 -6.60
C1A OS3 M . -19.34 13.77 -8.86
C4A OS3 M . -20.47 14.59 -8.27
C5A OS3 M . -20.25 16.06 -8.55
S5A OS3 M . -21.65 17.09 -8.15
C20 OS3 M . -22.69 16.81 -9.58
C21 OS3 M . -23.91 17.72 -9.59
C22 OS3 M . -24.89 17.32 -10.69
C23 OS3 M . -24.29 17.50 -12.00
C24 OS3 M . -23.82 17.61 -13.19
#